data_5J0A
#
_entry.id   5J0A
#
_cell.length_a   75.558
_cell.length_b   97.905
_cell.length_c   162.835
_cell.angle_alpha   90.00
_cell.angle_beta   90.00
_cell.angle_gamma   90.00
#
_symmetry.space_group_name_H-M   'P 21 21 21'
#
loop_
_entity.id
_entity.type
_entity.pdbx_description
1 polymer 'Lymphokine-activated killer T-cell-originated protein kinase'
2 polymer 'Lymphokine-activated killer T-cell-originated protein kinase'
3 non-polymer 'SULFATE ION'
4 non-polymer "4'-HYDROXYCINNAMIC ACID"
5 water water
#
loop_
_entity_poly.entity_id
_entity_poly.type
_entity_poly.pdbx_seq_one_letter_code
_entity_poly.pdbx_strand_id
1 'polypeptide(L)'
;GSTPTINIPASPFMQKLGFGTGVNVYLMKRSPRGLSHSPWAVKKINPICNDHYRSVYQKRLMDEAKILKSLHHPNIVGYR
AFTEANDGSLCLAMEYGGEKSLNDLIEERYKASQDPFPAAIILKVALNMARGLKYLHQEKKLLHGDIKSSNVVIKGDFET
IKICDVGVSLPLDENMEVTDPEACYIGTEPWKPKEAVEENGVITDKADIFAFGLTLWEMMTLSIPHINLSNDDDDEDKTF
DESDFDDEAYYAALGTRPPINMEELDESYQKVIELFSVCTNEDPKDRPSAAHIVEALETA
;
A
2 'polypeptide(L)'
;GSVLCSTPTINIPASPFMQKLGFGTGVNVYLMKRSPRGLSHSPWAVKKINPICNDHYRSVYQKRLMDEAKILKSLHHPNI
VGYRAFTEANDGSLCLAMEYGGEKSLNDLIEERYKASQDPFPAAIILKVALNMARGLKYLHQEKKLLHGDIKSSNVVIKG
DFETIKICDVGVSLPLDENMEVTDPEACYIGTEPWKPKEAVEENGVITDKADIFAFGLTLWEMMTLSIPHINLSNDDDDE
DKTFDESDFDDEAYYAALGTRPPINMEELDESYQKVIELFSVCTNEDPKDRPSAAHIVEALEAA
;
B
#
# COMPACT_ATOMS: atom_id res chain seq x y z
N SER A 2 15.52 -18.14 -37.55
CA SER A 2 14.59 -18.14 -36.38
C SER A 2 15.33 -18.48 -35.08
N THR A 3 14.59 -18.96 -34.08
CA THR A 3 15.21 -19.32 -32.81
C THR A 3 15.25 -20.83 -32.62
N PRO A 4 16.36 -21.35 -32.10
CA PRO A 4 16.55 -22.79 -31.86
C PRO A 4 15.40 -23.42 -31.09
N THR A 5 14.73 -24.37 -31.72
CA THR A 5 13.62 -25.06 -31.09
C THR A 5 14.08 -26.45 -30.66
N ILE A 6 13.36 -27.05 -29.71
CA ILE A 6 13.68 -28.37 -29.21
C ILE A 6 12.40 -29.09 -28.78
N ASN A 7 12.07 -30.16 -29.50
CA ASN A 7 10.87 -30.94 -29.21
C ASN A 7 10.96 -31.75 -27.93
N ILE A 8 9.88 -31.75 -27.16
CA ILE A 8 9.83 -32.52 -25.92
C ILE A 8 8.83 -33.64 -26.22
N PRO A 9 9.33 -34.89 -26.28
CA PRO A 9 8.52 -36.08 -26.57
C PRO A 9 7.35 -36.36 -25.63
N ALA A 10 6.25 -36.81 -26.20
CA ALA A 10 5.03 -37.14 -25.47
C ALA A 10 5.29 -38.20 -24.42
N SER A 11 5.59 -37.77 -23.21
CA SER A 11 5.86 -38.70 -22.11
C SER A 11 4.56 -39.19 -21.49
N PRO A 12 4.64 -40.13 -20.53
CA PRO A 12 3.46 -40.65 -19.87
C PRO A 12 2.93 -39.63 -18.85
N PHE A 13 3.86 -39.07 -18.07
CA PHE A 13 3.53 -38.06 -17.07
C PHE A 13 2.81 -36.89 -17.73
N MET A 14 3.39 -36.37 -18.80
CA MET A 14 2.79 -35.26 -19.51
C MET A 14 1.43 -35.68 -20.06
N GLN A 15 1.20 -36.98 -20.13
CA GLN A 15 -0.07 -37.47 -20.61
C GLN A 15 -1.05 -37.44 -19.46
N LYS A 16 -0.54 -37.60 -18.25
CA LYS A 16 -1.36 -37.59 -17.04
C LYS A 16 -1.97 -36.20 -16.87
N LEU A 17 -1.36 -35.20 -17.52
CA LEU A 17 -1.84 -33.83 -17.45
C LEU A 17 -2.91 -33.63 -18.51
N GLY A 18 -3.34 -34.73 -19.13
CA GLY A 18 -4.36 -34.67 -20.16
C GLY A 18 -3.88 -34.12 -21.50
N PHE A 19 -2.57 -34.17 -21.71
CA PHE A 19 -1.96 -33.67 -22.94
C PHE A 19 -1.00 -34.73 -23.45
N GLY A 20 -1.44 -35.52 -24.43
CA GLY A 20 -0.59 -36.55 -24.97
C GLY A 20 -0.03 -36.22 -26.34
N THR A 21 1.14 -35.60 -26.35
CA THR A 21 1.80 -35.21 -27.60
C THR A 21 3.06 -34.51 -27.18
N GLY A 22 4.05 -34.49 -28.04
CA GLY A 22 5.26 -33.80 -27.69
C GLY A 22 4.96 -32.32 -27.80
N VAL A 23 5.84 -31.48 -27.28
CA VAL A 23 5.63 -30.05 -27.38
C VAL A 23 6.96 -29.42 -27.73
N ASN A 24 6.95 -28.58 -28.76
CA ASN A 24 8.16 -27.90 -29.19
C ASN A 24 8.30 -26.67 -28.33
N VAL A 25 9.54 -26.32 -27.99
CA VAL A 25 9.76 -25.16 -27.16
C VAL A 25 11.01 -24.44 -27.61
N TYR A 26 11.06 -23.13 -27.40
CA TYR A 26 12.23 -22.36 -27.80
C TYR A 26 13.35 -22.50 -26.80
N LEU A 27 14.56 -22.17 -27.24
CA LEU A 27 15.74 -22.27 -26.38
C LEU A 27 16.32 -20.93 -25.98
N MET A 28 17.09 -20.97 -24.91
CA MET A 28 17.75 -19.80 -24.36
C MET A 28 19.10 -20.27 -23.83
N LYS A 29 20.17 -19.58 -24.21
CA LYS A 29 21.51 -19.94 -23.76
C LYS A 29 21.70 -19.55 -22.30
N ARG A 30 21.83 -18.25 -22.05
CA ARG A 30 22.05 -17.75 -20.69
C ARG A 30 20.86 -16.88 -20.24
N SER A 31 20.29 -17.21 -19.08
CA SER A 31 19.16 -16.47 -18.52
C SER A 31 19.56 -15.04 -18.20
N PRO A 32 18.82 -14.05 -18.72
CA PRO A 32 19.11 -12.63 -18.47
C PRO A 32 18.87 -12.18 -17.04
N ARG A 33 19.41 -12.94 -16.09
CA ARG A 33 19.27 -12.63 -14.68
C ARG A 33 19.70 -11.18 -14.44
N GLY A 34 20.89 -10.85 -14.92
CA GLY A 34 21.42 -9.51 -14.74
C GLY A 34 20.42 -8.39 -14.97
N LEU A 35 19.73 -8.42 -16.10
CA LEU A 35 18.75 -7.38 -16.41
C LEU A 35 17.52 -7.44 -15.50
N SER A 36 17.04 -8.65 -15.22
CA SER A 36 15.86 -8.85 -14.38
C SER A 36 16.03 -8.36 -12.95
N HIS A 37 17.26 -8.32 -12.48
CA HIS A 37 17.55 -7.89 -11.13
C HIS A 37 18.18 -6.51 -11.05
N SER A 38 18.32 -5.86 -12.21
CA SER A 38 18.91 -4.53 -12.25
C SER A 38 17.97 -3.58 -11.52
N PRO A 39 18.50 -2.45 -11.04
CA PRO A 39 17.67 -1.47 -10.33
C PRO A 39 16.48 -0.99 -11.16
N TRP A 40 16.69 -0.87 -12.47
CA TRP A 40 15.63 -0.42 -13.37
C TRP A 40 14.46 -1.39 -13.32
N ALA A 41 14.78 -2.67 -13.41
CA ALA A 41 13.78 -3.73 -13.38
C ALA A 41 12.97 -3.72 -12.08
N VAL A 42 13.64 -3.82 -10.95
CA VAL A 42 12.94 -3.85 -9.67
C VAL A 42 12.11 -2.59 -9.47
N LYS A 43 12.43 -1.55 -10.22
CA LYS A 43 11.71 -0.30 -10.07
C LYS A 43 10.50 -0.18 -10.97
N LYS A 44 10.68 -0.54 -12.24
CA LYS A 44 9.62 -0.42 -13.24
C LYS A 44 8.73 -1.65 -13.42
N ILE A 45 9.33 -2.84 -13.35
CA ILE A 45 8.58 -4.07 -13.53
C ILE A 45 8.17 -4.69 -12.19
N ASN A 46 6.87 -4.88 -12.01
CA ASN A 46 6.34 -5.45 -10.79
C ASN A 46 6.81 -4.65 -9.57
N PRO A 47 6.45 -3.36 -9.50
CA PRO A 47 6.79 -2.43 -8.44
C PRO A 47 6.43 -2.98 -7.06
N ILE A 48 7.32 -2.84 -6.09
CA ILE A 48 7.05 -3.35 -4.75
C ILE A 48 6.01 -2.49 -4.05
N CYS A 49 5.79 -1.29 -4.59
CA CYS A 49 4.81 -0.37 -4.02
C CYS A 49 3.39 -0.83 -4.32
N ASN A 50 3.25 -1.61 -5.37
CA ASN A 50 1.96 -2.13 -5.79
C ASN A 50 1.80 -3.57 -5.31
N ASP A 51 2.66 -3.99 -4.39
CA ASP A 51 2.60 -5.34 -3.86
C ASP A 51 1.94 -5.37 -2.48
N HIS A 52 0.83 -6.07 -2.41
CA HIS A 52 0.03 -6.17 -1.21
C HIS A 52 0.71 -6.74 0.03
N TYR A 53 1.25 -7.95 -0.06
CA TYR A 53 1.87 -8.58 1.09
C TYR A 53 2.94 -7.70 1.77
N ARG A 54 3.90 -7.18 1.00
CA ARG A 54 4.96 -6.32 1.57
C ARG A 54 4.39 -5.05 2.19
N SER A 55 3.31 -4.53 1.62
CA SER A 55 2.70 -3.34 2.16
C SER A 55 2.21 -3.59 3.57
N VAL A 56 1.81 -4.82 3.84
CA VAL A 56 1.32 -5.16 5.18
C VAL A 56 2.45 -5.63 6.09
N TYR A 57 3.17 -6.67 5.65
CA TYR A 57 4.27 -7.24 6.42
C TYR A 57 5.60 -6.67 5.95
N GLN A 58 5.91 -5.49 6.48
CA GLN A 58 7.11 -4.76 6.15
C GLN A 58 8.36 -5.23 6.82
N LYS A 59 9.39 -5.49 6.01
CA LYS A 59 10.68 -5.97 6.52
C LYS A 59 11.36 -4.83 7.25
N ARG A 60 11.69 -5.07 8.51
CA ARG A 60 12.32 -4.07 9.35
C ARG A 60 13.63 -4.51 9.99
N LEU A 61 14.57 -3.57 10.15
CA LEU A 61 15.86 -3.85 10.79
C LEU A 61 15.56 -4.08 12.27
N MET A 62 16.00 -5.22 12.80
CA MET A 62 15.71 -5.58 14.18
C MET A 62 15.79 -4.48 15.21
N ASP A 63 16.66 -3.49 15.01
CA ASP A 63 16.77 -2.40 15.97
C ASP A 63 15.53 -1.51 15.94
N GLU A 64 15.08 -1.17 14.73
CA GLU A 64 13.89 -0.34 14.58
C GLU A 64 12.69 -1.15 15.03
N ALA A 65 12.66 -2.41 14.63
CA ALA A 65 11.59 -3.32 14.97
C ALA A 65 11.32 -3.32 16.49
N LYS A 66 12.40 -3.34 17.27
CA LYS A 66 12.26 -3.33 18.73
C LYS A 66 11.58 -2.05 19.21
N ILE A 67 11.98 -0.93 18.62
CA ILE A 67 11.40 0.37 18.97
C ILE A 67 9.93 0.42 18.61
N LEU A 68 9.62 -0.01 17.40
CA LEU A 68 8.23 -0.02 16.91
C LEU A 68 7.33 -0.96 17.68
N LYS A 69 7.89 -2.04 18.23
CA LYS A 69 7.10 -2.99 19.01
C LYS A 69 6.91 -2.48 20.43
N SER A 70 7.76 -1.54 20.85
CA SER A 70 7.71 -0.97 22.19
C SER A 70 6.63 0.11 22.34
N LEU A 71 6.08 0.60 21.23
CA LEU A 71 5.03 1.61 21.30
C LEU A 71 3.86 1.00 22.05
N HIS A 72 3.53 1.56 23.21
CA HIS A 72 2.44 1.05 24.02
C HIS A 72 1.76 2.21 24.71
N HIS A 73 0.67 2.70 24.13
CA HIS A 73 -0.04 3.84 24.70
C HIS A 73 -1.49 3.89 24.19
N PRO A 74 -2.44 4.17 25.08
CA PRO A 74 -3.86 4.23 24.72
C PRO A 74 -4.21 5.06 23.48
N ASN A 75 -3.32 5.97 23.09
CA ASN A 75 -3.59 6.84 21.95
C ASN A 75 -2.68 6.62 20.77
N ILE A 76 -1.97 5.51 20.75
CA ILE A 76 -1.06 5.20 19.66
C ILE A 76 -1.34 3.80 19.12
N VAL A 77 -1.20 3.62 17.82
CA VAL A 77 -1.40 2.32 17.21
C VAL A 77 0.01 1.80 17.04
N GLY A 78 0.29 0.64 17.62
CA GLY A 78 1.62 0.08 17.52
C GLY A 78 1.75 -1.01 16.46
N TYR A 79 2.79 -1.82 16.58
CA TYR A 79 3.03 -2.88 15.63
C TYR A 79 3.24 -4.21 16.34
N ARG A 80 3.28 -5.29 15.55
CA ARG A 80 3.50 -6.62 16.07
C ARG A 80 4.28 -7.45 15.07
N ALA A 81 5.09 -8.38 15.58
CA ALA A 81 5.87 -9.25 14.72
C ALA A 81 5.31 -10.67 14.79
N PHE A 82 5.82 -11.56 13.94
CA PHE A 82 5.33 -12.92 13.90
C PHE A 82 6.37 -14.02 14.03
N THR A 83 7.60 -13.62 14.38
CA THR A 83 8.73 -14.54 14.59
C THR A 83 9.84 -13.76 15.25
N GLU A 84 10.82 -14.47 15.79
CA GLU A 84 11.97 -13.86 16.42
C GLU A 84 12.86 -13.45 15.26
N ALA A 85 13.36 -12.22 15.32
CA ALA A 85 14.21 -11.66 14.27
C ALA A 85 15.13 -12.68 13.62
N ASN A 86 14.81 -13.08 12.39
CA ASN A 86 15.72 -13.97 11.71
C ASN A 86 16.92 -13.06 11.59
N ASP A 87 18.06 -13.59 11.21
CA ASP A 87 19.26 -12.77 11.15
C ASP A 87 19.24 -11.54 10.24
N GLY A 88 19.12 -10.39 10.89
CA GLY A 88 19.09 -9.11 10.19
C GLY A 88 17.80 -8.34 10.39
N SER A 89 16.76 -8.77 9.68
CA SER A 89 15.48 -8.09 9.76
C SER A 89 14.35 -8.93 10.34
N LEU A 90 13.15 -8.35 10.31
CA LEU A 90 11.95 -8.98 10.85
C LEU A 90 10.74 -8.23 10.30
N CYS A 91 9.69 -8.96 9.95
CA CYS A 91 8.47 -8.33 9.42
C CYS A 91 7.59 -7.77 10.52
N LEU A 92 7.07 -6.57 10.28
CA LEU A 92 6.20 -5.92 11.25
C LEU A 92 4.90 -5.51 10.57
N ALA A 93 3.80 -5.57 11.32
CA ALA A 93 2.50 -5.16 10.78
C ALA A 93 1.89 -4.20 11.76
N MET A 94 1.34 -3.12 11.25
CA MET A 94 0.69 -2.14 12.11
C MET A 94 -0.57 -2.80 12.67
N GLU A 95 -0.84 -2.60 13.95
CA GLU A 95 -2.03 -3.17 14.56
C GLU A 95 -3.31 -2.40 14.26
N TYR A 96 -4.43 -2.99 14.60
CA TYR A 96 -5.75 -2.41 14.35
C TYR A 96 -6.18 -1.45 15.44
N GLY A 97 -6.88 -0.39 15.04
CA GLY A 97 -7.34 0.59 16.00
C GLY A 97 -8.69 1.15 15.63
N GLY A 98 -9.50 0.37 14.92
CA GLY A 98 -10.82 0.83 14.52
C GLY A 98 -11.10 0.71 13.04
N GLU A 99 -12.37 0.78 12.66
CA GLU A 99 -12.78 0.66 11.27
C GLU A 99 -12.69 1.92 10.44
N LYS A 100 -12.74 3.07 11.11
CA LYS A 100 -12.70 4.36 10.39
C LYS A 100 -11.54 5.27 10.76
N SER A 101 -11.14 6.11 9.82
CA SER A 101 -10.08 7.07 10.06
C SER A 101 -10.85 8.39 10.23
N LEU A 102 -10.25 9.37 10.91
CA LEU A 102 -10.92 10.65 11.10
C LEU A 102 -11.31 11.17 9.74
N ASN A 103 -10.40 11.04 8.78
CA ASN A 103 -10.67 11.49 7.42
C ASN A 103 -11.97 10.89 6.90
N ASP A 104 -12.16 9.59 7.12
CA ASP A 104 -13.38 8.89 6.70
C ASP A 104 -14.60 9.56 7.31
N LEU A 105 -14.51 9.90 8.59
CA LEU A 105 -15.63 10.54 9.26
C LEU A 105 -15.84 11.97 8.75
N ILE A 106 -14.75 12.64 8.40
CA ILE A 106 -14.84 14.01 7.91
C ILE A 106 -15.68 14.06 6.65
N GLU A 107 -15.37 13.22 5.68
CA GLU A 107 -16.14 13.20 4.44
C GLU A 107 -17.49 12.53 4.59
N GLU A 108 -17.61 11.64 5.56
CA GLU A 108 -18.87 10.95 5.80
C GLU A 108 -19.88 12.03 6.19
N ARG A 109 -19.41 12.99 6.95
CA ARG A 109 -20.20 14.10 7.43
C ARG A 109 -20.47 15.07 6.29
N TYR A 110 -19.44 15.40 5.54
CA TYR A 110 -19.60 16.31 4.42
C TYR A 110 -20.74 15.88 3.50
N LYS A 111 -20.98 14.59 3.40
CA LYS A 111 -22.03 14.09 2.53
C LYS A 111 -23.38 13.94 3.21
N ALA A 112 -23.50 14.53 4.39
CA ALA A 112 -24.76 14.45 5.14
C ALA A 112 -25.08 15.84 5.64
N SER A 113 -24.76 16.08 6.91
CA SER A 113 -25.01 17.37 7.53
C SER A 113 -24.26 18.47 6.78
N GLN A 114 -23.00 18.17 6.46
CA GLN A 114 -22.09 19.12 5.81
C GLN A 114 -21.88 20.16 6.90
N ASP A 115 -22.16 19.72 8.13
CA ASP A 115 -22.06 20.53 9.33
C ASP A 115 -20.77 20.20 10.11
N PRO A 116 -20.04 21.23 10.58
CA PRO A 116 -18.80 21.01 11.31
C PRO A 116 -18.99 20.09 12.53
N PHE A 117 -17.92 19.40 12.91
CA PHE A 117 -17.95 18.50 14.07
C PHE A 117 -18.22 19.34 15.32
N PRO A 118 -19.05 18.83 16.23
CA PRO A 118 -19.33 19.57 17.46
C PRO A 118 -18.03 19.96 18.17
N ALA A 119 -18.01 21.12 18.82
CA ALA A 119 -16.80 21.57 19.49
C ALA A 119 -16.33 20.59 20.55
N ALA A 120 -17.30 19.96 21.22
CA ALA A 120 -16.99 18.99 22.27
C ALA A 120 -16.17 17.82 21.74
N ILE A 121 -16.53 17.32 20.55
CA ILE A 121 -15.83 16.21 19.95
C ILE A 121 -14.50 16.64 19.36
N ILE A 122 -14.44 17.85 18.83
CA ILE A 122 -13.18 18.33 18.26
C ILE A 122 -12.13 18.42 19.36
N LEU A 123 -12.53 18.86 20.55
CA LEU A 123 -11.60 18.96 21.66
C LEU A 123 -11.19 17.59 22.16
N LYS A 124 -12.14 16.67 22.26
CA LYS A 124 -11.83 15.32 22.70
C LYS A 124 -10.69 14.76 21.86
N VAL A 125 -10.84 14.83 20.54
CA VAL A 125 -9.81 14.33 19.63
C VAL A 125 -8.52 15.06 19.96
N ALA A 126 -8.61 16.38 20.08
CA ALA A 126 -7.46 17.20 20.39
C ALA A 126 -6.74 16.67 21.63
N LEU A 127 -7.52 16.28 22.64
CA LEU A 127 -6.95 15.77 23.88
C LEU A 127 -6.15 14.50 23.62
N ASN A 128 -6.83 13.46 23.14
CA ASN A 128 -6.19 12.18 22.87
C ASN A 128 -5.00 12.27 21.91
N MET A 129 -5.09 13.11 20.88
CA MET A 129 -3.98 13.24 19.95
C MET A 129 -2.78 13.90 20.62
N ALA A 130 -3.06 14.83 21.54
CA ALA A 130 -2.00 15.52 22.24
C ALA A 130 -1.35 14.51 23.16
N ARG A 131 -2.21 13.78 23.86
CA ARG A 131 -1.77 12.76 24.79
C ARG A 131 -0.80 11.84 24.07
N GLY A 132 -1.18 11.43 22.87
CA GLY A 132 -0.35 10.53 22.07
C GLY A 132 0.91 11.16 21.56
N LEU A 133 0.87 12.46 21.26
CA LEU A 133 2.06 13.14 20.76
C LEU A 133 3.04 13.33 21.91
N LYS A 134 2.51 13.58 23.10
CA LYS A 134 3.33 13.76 24.29
C LYS A 134 4.16 12.50 24.47
N TYR A 135 3.48 11.36 24.46
CA TYR A 135 4.13 10.06 24.61
C TYR A 135 5.24 9.89 23.56
N LEU A 136 4.95 10.21 22.31
CA LEU A 136 5.94 10.07 21.25
C LEU A 136 7.12 11.01 21.41
N HIS A 137 6.83 12.24 21.82
CA HIS A 137 7.86 13.25 21.99
C HIS A 137 8.70 13.09 23.26
N GLN A 138 8.03 13.03 24.41
CA GLN A 138 8.71 12.91 25.70
C GLN A 138 9.20 11.52 26.11
N GLU A 139 8.48 10.48 25.70
CA GLU A 139 8.84 9.12 26.04
C GLU A 139 9.77 8.45 25.04
N LYS A 140 9.30 8.31 23.81
CA LYS A 140 10.08 7.65 22.78
C LYS A 140 11.08 8.54 22.07
N LYS A 141 10.96 9.85 22.28
CA LYS A 141 11.86 10.80 21.63
C LYS A 141 11.81 10.57 20.13
N LEU A 142 10.58 10.52 19.61
CA LEU A 142 10.33 10.31 18.19
C LEU A 142 9.31 11.33 17.70
N LEU A 143 9.53 11.86 16.51
CA LEU A 143 8.62 12.82 15.91
C LEU A 143 7.77 12.02 14.92
N HIS A 144 6.46 12.24 14.94
CA HIS A 144 5.58 11.53 14.02
C HIS A 144 5.92 11.88 12.58
N GLY A 145 5.80 13.15 12.24
CA GLY A 145 6.13 13.61 10.91
C GLY A 145 5.07 13.60 9.82
N ASP A 146 3.87 13.14 10.15
CA ASP A 146 2.82 13.07 9.15
C ASP A 146 1.43 13.11 9.78
N ILE A 147 1.25 14.02 10.73
CA ILE A 147 -0.04 14.14 11.37
C ILE A 147 -1.06 14.68 10.36
N LYS A 148 -2.29 14.17 10.46
CA LYS A 148 -3.38 14.54 9.58
C LYS A 148 -4.54 13.61 9.94
N SER A 149 -5.72 13.88 9.40
CA SER A 149 -6.91 13.07 9.69
C SER A 149 -6.80 11.63 9.21
N SER A 150 -5.95 11.41 8.20
CA SER A 150 -5.75 10.07 7.65
C SER A 150 -5.02 9.20 8.66
N ASN A 151 -4.12 9.80 9.43
CA ASN A 151 -3.38 9.04 10.41
C ASN A 151 -3.99 9.04 11.81
N VAL A 152 -5.29 9.31 11.88
CA VAL A 152 -5.99 9.27 13.16
C VAL A 152 -7.14 8.31 12.94
N VAL A 153 -7.10 7.14 13.58
CA VAL A 153 -8.16 6.16 13.44
C VAL A 153 -9.08 6.23 14.63
N ILE A 154 -10.38 6.17 14.39
CA ILE A 154 -11.39 6.25 15.43
C ILE A 154 -12.16 4.94 15.56
N LYS A 155 -12.51 4.59 16.80
CA LYS A 155 -13.24 3.36 17.09
C LYS A 155 -14.68 3.72 17.45
N GLY A 156 -15.61 3.34 16.61
CA GLY A 156 -17.01 3.62 16.87
C GLY A 156 -17.27 5.10 16.98
N ASP A 157 -18.17 5.48 17.87
CA ASP A 157 -18.52 6.88 18.09
C ASP A 157 -17.47 7.51 19.02
N PHE A 158 -16.27 7.71 18.49
CA PHE A 158 -15.17 8.28 19.24
C PHE A 158 -14.91 7.60 20.58
N GLU A 159 -15.14 6.29 20.62
CA GLU A 159 -14.88 5.51 21.82
C GLU A 159 -13.39 5.66 22.14
N THR A 160 -12.56 5.57 21.10
CA THR A 160 -11.11 5.76 21.26
C THR A 160 -10.54 6.48 20.05
N ILE A 161 -9.61 7.39 20.30
CA ILE A 161 -8.97 8.15 19.24
C ILE A 161 -7.49 7.73 19.26
N LYS A 162 -6.92 7.42 18.11
CA LYS A 162 -5.52 7.02 18.07
C LYS A 162 -4.76 7.60 16.89
N ILE A 163 -3.44 7.52 16.95
CA ILE A 163 -2.59 8.01 15.90
C ILE A 163 -1.84 6.80 15.34
N CYS A 164 -1.83 6.64 14.02
CA CYS A 164 -1.16 5.51 13.41
C CYS A 164 -0.05 5.93 12.45
N ASP A 165 0.62 4.94 11.88
CA ASP A 165 1.72 5.17 10.95
C ASP A 165 2.84 5.89 11.66
N VAL A 166 3.18 5.42 12.86
CA VAL A 166 4.26 6.00 13.65
C VAL A 166 5.59 5.51 13.08
N GLY A 167 6.47 6.47 12.79
CA GLY A 167 7.76 6.14 12.23
C GLY A 167 8.86 6.02 13.28
N VAL A 168 10.09 5.84 12.80
CA VAL A 168 11.24 5.69 13.67
C VAL A 168 12.39 6.45 13.03
N SER A 169 12.07 7.17 11.95
CA SER A 169 13.04 7.94 11.17
C SER A 169 13.24 9.41 11.56
N LEU A 170 12.46 9.89 12.53
CA LEU A 170 12.59 11.27 12.96
C LEU A 170 12.83 11.29 14.45
N PRO A 171 14.02 10.83 14.87
CA PRO A 171 14.38 10.80 16.29
C PRO A 171 14.58 12.22 16.81
N LEU A 172 13.97 12.52 17.96
CA LEU A 172 14.11 13.85 18.53
C LEU A 172 15.36 13.95 19.41
N ASP A 173 16.23 14.89 19.04
CA ASP A 173 17.48 15.14 19.75
C ASP A 173 17.21 15.54 21.21
N GLU A 174 18.28 15.80 21.97
CA GLU A 174 18.12 16.20 23.36
C GLU A 174 17.45 17.57 23.45
N ASN A 175 17.63 18.37 22.41
CA ASN A 175 17.03 19.70 22.34
C ASN A 175 15.72 19.63 21.59
N MET A 176 15.09 18.46 21.62
CA MET A 176 13.82 18.23 20.96
C MET A 176 13.90 18.77 19.53
N GLU A 177 14.89 18.29 18.79
CA GLU A 177 15.09 18.75 17.42
C GLU A 177 15.66 17.63 16.55
N VAL A 178 15.04 17.36 15.41
CA VAL A 178 15.50 16.30 14.50
C VAL A 178 16.86 16.64 13.90
N THR A 179 17.90 16.46 14.70
CA THR A 179 19.27 16.76 14.31
C THR A 179 19.93 15.67 13.47
N ASP A 180 19.37 14.46 13.53
CA ASP A 180 19.91 13.34 12.79
C ASP A 180 20.22 13.74 11.34
N PRO A 181 21.42 13.40 10.85
CA PRO A 181 21.85 13.72 9.48
C PRO A 181 20.92 13.21 8.39
N GLU A 182 20.82 11.90 8.23
CA GLU A 182 19.95 11.35 7.20
C GLU A 182 18.49 11.21 7.64
N ALA A 183 17.91 12.33 8.07
CA ALA A 183 16.52 12.36 8.51
C ALA A 183 15.83 13.53 7.85
N CYS A 184 14.83 13.24 7.02
CA CYS A 184 14.10 14.27 6.31
C CYS A 184 12.59 14.27 6.60
N TYR A 185 12.05 15.44 6.93
CA TYR A 185 10.62 15.56 7.20
C TYR A 185 9.92 15.63 5.86
N ILE A 186 8.75 14.99 5.76
CA ILE A 186 8.01 14.99 4.50
C ILE A 186 6.54 15.25 4.72
N GLY A 187 5.93 14.44 5.57
CA GLY A 187 4.52 14.60 5.83
C GLY A 187 3.73 14.65 4.54
N THR A 188 2.61 15.35 4.57
CA THR A 188 1.76 15.47 3.40
C THR A 188 1.61 16.96 3.08
N GLU A 189 2.12 17.35 1.91
CA GLU A 189 2.12 18.74 1.45
C GLU A 189 1.15 19.72 2.13
N PRO A 190 -0.18 19.55 1.93
CA PRO A 190 -1.15 20.46 2.55
C PRO A 190 -1.00 20.64 4.06
N TRP A 191 -0.32 19.70 4.71
CA TRP A 191 -0.15 19.74 6.17
C TRP A 191 1.24 20.11 6.64
N LYS A 192 2.16 20.34 5.69
CA LYS A 192 3.54 20.70 6.04
C LYS A 192 3.68 22.00 6.83
N PRO A 193 4.56 22.01 7.83
CA PRO A 193 4.79 23.21 8.63
C PRO A 193 5.77 24.09 7.84
N LYS A 194 5.88 25.37 8.20
CA LYS A 194 6.79 26.25 7.47
C LYS A 194 8.21 25.71 7.38
N GLU A 195 8.77 25.26 8.51
CA GLU A 195 10.13 24.74 8.54
C GLU A 195 10.35 23.50 7.66
N ALA A 196 9.27 22.89 7.21
CA ALA A 196 9.37 21.71 6.37
C ALA A 196 9.35 22.13 4.91
N VAL A 197 9.15 23.43 4.68
CA VAL A 197 9.11 23.97 3.33
C VAL A 197 10.35 24.83 3.07
N GLU A 198 10.89 25.40 4.15
CA GLU A 198 12.08 26.27 4.09
C GLU A 198 13.20 25.70 3.25
N GLU A 199 13.14 24.40 2.98
CA GLU A 199 14.17 23.72 2.20
C GLU A 199 15.46 23.70 3.02
N ASN A 200 15.46 24.41 4.14
CA ASN A 200 16.63 24.46 4.99
C ASN A 200 16.26 24.64 6.47
N GLY A 201 15.00 24.91 6.74
CA GLY A 201 14.54 25.12 8.11
C GLY A 201 14.95 24.03 9.08
N VAL A 202 14.66 24.28 10.36
CA VAL A 202 14.99 23.34 11.44
C VAL A 202 13.73 22.62 11.94
N ILE A 203 13.74 21.29 11.85
CA ILE A 203 12.60 20.48 12.28
C ILE A 203 12.59 20.23 13.77
N THR A 204 11.64 20.85 14.46
CA THR A 204 11.51 20.70 15.89
C THR A 204 10.36 19.74 16.21
N ASP A 205 10.04 19.55 17.49
CA ASP A 205 8.94 18.68 17.86
C ASP A 205 7.64 19.40 17.52
N LYS A 206 7.74 20.72 17.40
CA LYS A 206 6.59 21.56 17.09
C LYS A 206 6.04 21.34 15.69
N ALA A 207 6.82 20.66 14.86
CA ALA A 207 6.39 20.38 13.49
C ALA A 207 5.08 19.60 13.57
N ASP A 208 4.98 18.72 14.57
CA ASP A 208 3.78 17.93 14.76
C ASP A 208 2.64 18.78 15.28
N ILE A 209 2.93 19.64 16.24
CA ILE A 209 1.91 20.50 16.82
C ILE A 209 1.21 21.31 15.76
N PHE A 210 1.96 21.72 14.74
CA PHE A 210 1.41 22.50 13.64
C PHE A 210 0.38 21.65 12.90
N ALA A 211 0.81 20.45 12.49
CA ALA A 211 -0.05 19.49 11.78
C ALA A 211 -1.22 19.09 12.68
N PHE A 212 -0.96 18.98 13.97
CA PHE A 212 -2.01 18.64 14.91
C PHE A 212 -3.05 19.74 14.87
N GLY A 213 -2.61 20.96 14.62
CA GLY A 213 -3.52 22.11 14.55
C GLY A 213 -4.39 22.04 13.32
N LEU A 214 -3.76 21.78 12.17
CA LEU A 214 -4.48 21.68 10.90
C LEU A 214 -5.49 20.54 10.93
N THR A 215 -5.22 19.50 11.73
CA THR A 215 -6.13 18.37 11.82
C THR A 215 -7.39 18.77 12.57
N LEU A 216 -7.25 19.71 13.49
CA LEU A 216 -8.40 20.18 14.24
C LEU A 216 -9.16 21.11 13.30
N TRP A 217 -8.43 21.74 12.39
CA TRP A 217 -9.02 22.65 11.41
C TRP A 217 -9.97 21.87 10.51
N GLU A 218 -9.53 20.69 10.09
CA GLU A 218 -10.33 19.83 9.23
C GLU A 218 -11.68 19.50 9.86
N MET A 219 -11.68 19.25 11.16
CA MET A 219 -12.92 18.91 11.84
C MET A 219 -13.86 20.10 11.92
N MET A 220 -13.30 21.30 11.70
CA MET A 220 -14.11 22.53 11.73
C MET A 220 -14.68 22.85 10.35
N THR A 221 -13.84 22.73 9.33
CA THR A 221 -14.23 23.06 7.96
C THR A 221 -14.55 21.88 7.03
N LEU A 222 -14.20 20.66 7.44
CA LEU A 222 -14.41 19.48 6.63
C LEU A 222 -13.71 19.65 5.30
N SER A 223 -12.63 20.44 5.30
CA SER A 223 -11.88 20.68 4.07
C SER A 223 -10.37 20.45 4.22
N ILE A 224 -9.67 20.47 3.09
CA ILE A 224 -8.23 20.27 3.08
C ILE A 224 -7.55 21.64 3.16
N PRO A 225 -6.51 21.78 4.00
CA PRO A 225 -5.78 23.04 4.16
C PRO A 225 -5.19 23.60 2.88
N HIS A 226 -5.55 24.85 2.57
CA HIS A 226 -5.03 25.55 1.40
C HIS A 226 -5.52 25.09 0.04
N ILE A 227 -6.74 24.56 0.01
CA ILE A 227 -7.35 24.12 -1.23
C ILE A 227 -8.62 24.96 -1.35
N ASN A 228 -8.53 26.00 -2.18
CA ASN A 228 -9.64 26.93 -2.40
C ASN A 228 -9.94 27.02 -3.89
N LEU A 229 -11.23 27.19 -4.22
CA LEU A 229 -11.66 27.31 -5.61
C LEU A 229 -10.97 28.54 -6.21
N SER A 230 -10.44 28.38 -7.43
CA SER A 230 -9.74 29.48 -8.10
C SER A 230 -10.67 30.68 -8.24
N ASN A 231 -11.86 30.43 -8.78
CA ASN A 231 -12.87 31.46 -8.95
C ASN A 231 -14.17 30.94 -8.35
N ASP A 232 -14.60 31.57 -7.26
CA ASP A 232 -15.81 31.17 -6.55
C ASP A 232 -17.04 30.97 -7.44
N ASP A 233 -17.63 32.08 -7.88
CA ASP A 233 -18.83 32.05 -8.70
C ASP A 233 -19.97 31.75 -7.73
N ASP A 234 -19.66 31.87 -6.44
CA ASP A 234 -20.58 31.63 -5.33
C ASP A 234 -20.93 30.14 -5.19
N ASP A 235 -19.91 29.28 -5.32
CA ASP A 235 -20.13 27.84 -5.23
C ASP A 235 -21.24 27.51 -6.22
N GLU A 236 -20.98 27.80 -7.50
CA GLU A 236 -21.97 27.60 -8.55
C GLU A 236 -22.16 26.16 -9.03
N ASP A 237 -21.31 25.73 -9.96
CA ASP A 237 -21.43 24.38 -10.51
C ASP A 237 -21.12 23.31 -9.45
N LYS A 238 -21.96 22.28 -9.40
CA LYS A 238 -21.77 21.19 -8.44
C LYS A 238 -20.85 20.10 -8.98
N THR A 239 -19.65 20.50 -9.39
CA THR A 239 -18.63 19.61 -9.93
C THR A 239 -17.32 20.39 -9.97
N PHE A 240 -16.24 19.77 -9.52
CA PHE A 240 -14.96 20.45 -9.48
C PHE A 240 -13.81 19.64 -10.08
N ASP A 241 -12.74 20.34 -10.46
CA ASP A 241 -11.56 19.70 -11.04
C ASP A 241 -10.38 20.66 -11.01
N GLU A 242 -9.23 20.19 -11.48
CA GLU A 242 -8.01 20.98 -11.49
C GLU A 242 -8.12 22.31 -12.24
N SER A 243 -9.26 22.53 -12.89
CA SER A 243 -9.46 23.77 -13.64
C SER A 243 -9.86 24.90 -12.69
N ASP A 244 -10.77 24.61 -11.77
CA ASP A 244 -11.24 25.61 -10.82
C ASP A 244 -10.52 25.56 -9.47
N PHE A 245 -9.31 25.02 -9.50
CA PHE A 245 -8.49 24.93 -8.29
C PHE A 245 -7.41 26.00 -8.40
N ASP A 246 -7.23 26.74 -7.32
CA ASP A 246 -6.26 27.83 -7.25
C ASP A 246 -4.80 27.41 -7.12
N ASP A 247 -4.17 26.97 -8.21
CA ASP A 247 -2.77 26.57 -8.16
C ASP A 247 -1.97 27.67 -7.49
N GLU A 248 -2.41 28.90 -7.75
CA GLU A 248 -1.80 30.10 -7.19
C GLU A 248 -1.68 30.03 -5.67
N ALA A 249 -2.77 30.37 -5.00
CA ALA A 249 -2.86 30.40 -3.54
C ALA A 249 -2.28 29.17 -2.85
N TYR A 250 -2.44 28.01 -3.48
CA TYR A 250 -1.94 26.77 -2.89
C TYR A 250 -0.48 26.84 -2.48
N TYR A 251 0.42 26.77 -3.46
CA TYR A 251 1.85 26.81 -3.17
C TYR A 251 2.25 28.05 -2.39
N ALA A 252 1.34 29.01 -2.32
CA ALA A 252 1.60 30.25 -1.60
C ALA A 252 1.47 30.07 -0.09
N ALA A 253 0.32 29.57 0.35
CA ALA A 253 0.05 29.38 1.77
C ALA A 253 0.71 28.17 2.43
N LEU A 254 1.37 27.31 1.67
CA LEU A 254 2.02 26.13 2.24
C LEU A 254 2.88 26.37 3.46
N GLY A 255 2.28 26.19 4.64
CA GLY A 255 3.03 26.38 5.87
C GLY A 255 2.45 27.49 6.73
N THR A 256 1.32 28.03 6.27
CA THR A 256 0.64 29.14 6.95
C THR A 256 -0.72 28.73 7.54
N ARG A 257 -1.19 29.48 8.53
CA ARG A 257 -2.47 29.17 9.15
C ARG A 257 -3.63 29.47 8.20
N PRO A 258 -4.42 28.44 7.86
CA PRO A 258 -5.56 28.59 6.96
C PRO A 258 -6.61 29.51 7.55
N PRO A 259 -7.43 30.13 6.67
CA PRO A 259 -8.50 31.02 7.13
C PRO A 259 -9.59 30.26 7.86
N ILE A 260 -9.94 30.74 9.03
CA ILE A 260 -10.98 30.11 9.84
C ILE A 260 -12.37 30.54 9.38
N ASN A 261 -13.31 29.60 9.36
CA ASN A 261 -14.68 29.85 8.93
C ASN A 261 -15.60 30.23 10.10
N MET A 262 -15.19 31.21 10.91
CA MET A 262 -15.99 31.63 12.06
C MET A 262 -17.45 31.86 11.73
N GLU A 263 -17.72 32.17 10.47
CA GLU A 263 -19.08 32.42 10.01
C GLU A 263 -19.95 31.19 10.27
N GLU A 264 -19.44 30.02 9.92
CA GLU A 264 -20.16 28.75 10.07
C GLU A 264 -20.14 28.20 11.49
N LEU A 265 -19.12 28.53 12.26
CA LEU A 265 -19.01 28.06 13.64
C LEU A 265 -19.83 28.99 14.52
N ASP A 266 -19.45 29.09 15.79
CA ASP A 266 -20.12 29.97 16.72
C ASP A 266 -19.28 30.23 17.97
N GLU A 267 -19.94 30.34 19.13
CA GLU A 267 -19.24 30.62 20.38
C GLU A 267 -18.63 29.42 21.11
N SER A 268 -19.31 28.28 21.06
CA SER A 268 -18.80 27.09 21.73
C SER A 268 -17.43 26.67 21.21
N TYR A 269 -17.19 26.93 19.93
CA TYR A 269 -15.90 26.58 19.31
C TYR A 269 -14.80 27.53 19.75
N GLN A 270 -15.01 28.21 20.86
CA GLN A 270 -14.04 29.18 21.35
C GLN A 270 -12.66 28.56 21.57
N LYS A 271 -12.58 27.64 22.52
CA LYS A 271 -11.32 26.98 22.83
C LYS A 271 -10.72 26.30 21.60
N VAL A 272 -11.56 25.66 20.80
CA VAL A 272 -11.10 24.98 19.59
C VAL A 272 -10.31 25.95 18.73
N ILE A 273 -10.95 27.07 18.38
CA ILE A 273 -10.31 28.08 17.55
C ILE A 273 -9.04 28.61 18.21
N GLU A 274 -9.11 28.87 19.52
CA GLU A 274 -7.96 29.40 20.25
C GLU A 274 -6.80 28.41 20.18
N LEU A 275 -7.09 27.13 20.43
CA LEU A 275 -6.07 26.09 20.39
C LEU A 275 -5.50 25.95 18.97
N PHE A 276 -6.39 25.95 17.99
CA PHE A 276 -5.98 25.84 16.59
C PHE A 276 -5.00 26.95 16.20
N SER A 277 -5.32 28.17 16.62
CA SER A 277 -4.53 29.36 16.32
C SER A 277 -3.09 29.28 16.83
N VAL A 278 -2.94 29.05 18.13
CA VAL A 278 -1.62 28.97 18.74
C VAL A 278 -0.79 27.79 18.23
N CYS A 279 -1.45 26.75 17.73
CA CYS A 279 -0.74 25.58 17.21
C CYS A 279 -0.25 25.83 15.79
N THR A 280 -0.91 26.76 15.11
CA THR A 280 -0.54 27.08 13.74
C THR A 280 0.28 28.36 13.66
N ASN A 281 0.60 28.93 14.82
CA ASN A 281 1.41 30.15 14.89
C ASN A 281 2.56 30.02 13.91
N GLU A 282 2.85 31.11 13.20
CA GLU A 282 3.92 31.13 12.20
C GLU A 282 5.27 30.70 12.77
N ASP A 283 5.53 31.04 14.03
CA ASP A 283 6.80 30.68 14.65
C ASP A 283 6.68 29.45 15.53
N PRO A 284 7.64 28.52 15.43
CA PRO A 284 7.71 27.27 16.20
C PRO A 284 7.62 27.46 17.71
N LYS A 285 8.51 28.29 18.24
CA LYS A 285 8.58 28.57 19.67
C LYS A 285 7.22 29.03 20.21
N ASP A 286 6.45 29.67 19.34
CA ASP A 286 5.12 30.18 19.71
C ASP A 286 4.03 29.11 19.76
N ARG A 287 4.38 27.89 19.39
CA ARG A 287 3.42 26.79 19.38
C ARG A 287 3.63 25.93 20.62
N PRO A 288 2.54 25.57 21.33
CA PRO A 288 2.58 24.74 22.54
C PRO A 288 3.33 23.43 22.35
N SER A 289 3.72 22.80 23.46
CA SER A 289 4.40 21.51 23.40
C SER A 289 3.27 20.51 23.55
N ALA A 290 3.48 19.29 23.06
CA ALA A 290 2.44 18.28 23.18
C ALA A 290 1.96 18.27 24.62
N ALA A 291 2.90 18.19 25.54
CA ALA A 291 2.60 18.17 26.97
C ALA A 291 1.77 19.35 27.45
N HIS A 292 2.17 20.57 27.08
CA HIS A 292 1.45 21.78 27.48
C HIS A 292 -0.02 21.73 27.08
N ILE A 293 -0.26 21.23 25.87
CA ILE A 293 -1.61 21.12 25.35
C ILE A 293 -2.46 20.16 26.17
N VAL A 294 -1.82 19.12 26.69
CA VAL A 294 -2.53 18.11 27.48
C VAL A 294 -3.07 18.67 28.79
N GLU A 295 -2.19 19.13 29.68
CA GLU A 295 -2.65 19.66 30.96
C GLU A 295 -3.46 20.92 30.75
N ALA A 296 -3.09 21.70 29.74
CA ALA A 296 -3.80 22.94 29.43
C ALA A 296 -5.20 22.61 28.97
N LEU A 297 -5.45 21.33 28.71
CA LEU A 297 -6.74 20.86 28.24
C LEU A 297 -7.35 19.85 29.21
N GLU A 298 -6.49 19.17 29.96
CA GLU A 298 -6.92 18.15 30.91
C GLU A 298 -8.16 18.53 31.71
N THR A 299 -7.94 19.20 32.85
CA THR A 299 -9.03 19.62 33.71
C THR A 299 -9.30 21.11 33.49
N ALA A 300 -8.39 21.73 32.72
CA ALA A 300 -8.50 23.14 32.40
C ALA A 300 -9.12 23.32 31.01
N SER B 2 8.41 38.67 2.41
CA SER B 2 7.10 39.12 2.97
C SER B 2 6.17 39.57 1.85
N VAL B 3 5.38 38.64 1.32
CA VAL B 3 4.45 38.96 0.25
C VAL B 3 2.99 38.99 0.73
N LEU B 4 2.57 37.92 1.39
CA LEU B 4 1.21 37.82 1.93
C LEU B 4 0.09 38.20 0.96
N CYS B 5 -0.98 38.76 1.54
CA CYS B 5 -2.16 39.17 0.79
C CYS B 5 -3.13 39.92 1.71
N SER B 6 -4.13 40.58 1.13
CA SER B 6 -5.13 41.31 1.89
C SER B 6 -6.42 40.48 1.83
N THR B 7 -7.07 40.34 2.98
CA THR B 7 -8.31 39.58 3.10
C THR B 7 -8.79 39.70 4.54
N PRO B 8 -10.11 39.70 4.74
CA PRO B 8 -10.71 39.81 6.07
C PRO B 8 -9.95 39.06 7.14
N THR B 9 -9.76 39.69 8.29
CA THR B 9 -9.07 39.06 9.42
C THR B 9 -9.85 39.47 10.64
N ILE B 10 -9.45 38.97 11.79
CA ILE B 10 -10.12 39.29 13.04
C ILE B 10 -9.13 39.07 14.15
N ASN B 11 -9.41 39.63 15.32
CA ASN B 11 -8.49 39.48 16.45
C ASN B 11 -9.09 38.68 17.59
N ILE B 12 -8.39 37.62 17.97
CA ILE B 12 -8.82 36.76 19.08
C ILE B 12 -8.14 37.34 20.33
N PRO B 13 -8.93 37.97 21.21
CA PRO B 13 -8.44 38.56 22.44
C PRO B 13 -7.65 37.60 23.32
N ALA B 14 -6.71 38.13 24.10
CA ALA B 14 -5.92 37.30 24.99
C ALA B 14 -6.92 36.65 25.94
N SER B 15 -6.72 35.37 26.22
CA SER B 15 -7.63 34.65 27.09
C SER B 15 -6.86 33.78 28.09
N PRO B 16 -7.54 33.33 29.16
CA PRO B 16 -6.88 32.48 30.16
C PRO B 16 -6.43 31.18 29.52
N PHE B 17 -7.23 30.69 28.57
CA PHE B 17 -6.94 29.47 27.85
C PHE B 17 -5.60 29.57 27.13
N MET B 18 -5.52 30.46 26.14
CA MET B 18 -4.30 30.65 25.37
C MET B 18 -3.11 30.99 26.26
N GLN B 19 -3.40 31.65 27.38
CA GLN B 19 -2.37 31.99 28.34
C GLN B 19 -1.84 30.66 28.89
N LYS B 20 -2.79 29.81 29.30
CA LYS B 20 -2.50 28.50 29.85
C LYS B 20 -1.75 27.61 28.85
N LEU B 21 -1.74 28.01 27.59
CA LEU B 21 -1.03 27.27 26.55
C LEU B 21 0.33 27.90 26.36
N GLY B 22 0.73 28.69 27.36
CA GLY B 22 2.02 29.36 27.31
C GLY B 22 2.05 30.55 26.36
N PHE B 23 0.91 31.20 26.18
CA PHE B 23 0.83 32.34 25.27
C PHE B 23 0.44 33.63 25.99
N GLY B 24 -0.81 33.70 26.45
CA GLY B 24 -1.29 34.88 27.15
C GLY B 24 -1.16 36.16 26.33
N THR B 25 -1.66 36.12 25.10
CA THR B 25 -1.61 37.27 24.20
C THR B 25 -2.82 37.14 23.29
N GLY B 26 -2.76 37.80 22.13
CA GLY B 26 -3.85 37.72 21.19
C GLY B 26 -3.30 37.26 19.85
N VAL B 27 -4.18 36.70 19.03
CA VAL B 27 -3.78 36.23 17.70
C VAL B 27 -4.72 36.77 16.65
N ASN B 28 -4.14 37.16 15.52
CA ASN B 28 -4.93 37.68 14.41
C ASN B 28 -5.01 36.57 13.37
N VAL B 29 -6.23 36.21 13.01
CA VAL B 29 -6.45 35.14 12.05
C VAL B 29 -7.25 35.61 10.83
N TYR B 30 -6.87 35.11 9.65
CA TYR B 30 -7.57 35.46 8.42
C TYR B 30 -9.00 34.92 8.48
N LEU B 31 -9.83 35.28 7.52
CA LEU B 31 -11.21 34.83 7.52
C LEU B 31 -11.69 34.17 6.23
N MET B 32 -12.67 33.30 6.40
CA MET B 32 -13.26 32.54 5.29
C MET B 32 -14.76 32.51 5.55
N LYS B 33 -15.55 32.73 4.49
CA LYS B 33 -17.01 32.72 4.64
C LYS B 33 -17.63 31.37 4.27
N ARG B 34 -17.23 30.83 3.12
CA ARG B 34 -17.75 29.55 2.65
C ARG B 34 -16.60 28.55 2.61
N SER B 35 -16.81 27.36 3.16
CA SER B 35 -15.78 26.31 3.18
C SER B 35 -15.69 25.55 1.86
N PRO B 36 -14.48 25.45 1.28
CA PRO B 36 -14.25 24.75 0.01
C PRO B 36 -14.48 23.24 0.14
N ARG B 37 -15.54 22.87 0.85
CA ARG B 37 -15.89 21.49 1.06
C ARG B 37 -16.07 20.74 -0.26
N GLY B 38 -16.63 21.43 -1.25
CA GLY B 38 -16.86 20.80 -2.54
C GLY B 38 -15.57 20.39 -3.25
N LEU B 39 -14.71 21.37 -3.52
CA LEU B 39 -13.45 21.10 -4.19
C LEU B 39 -12.65 20.05 -3.45
N SER B 40 -12.63 20.16 -2.12
CA SER B 40 -11.88 19.25 -1.29
C SER B 40 -12.27 17.78 -1.47
N HIS B 41 -13.54 17.51 -1.69
CA HIS B 41 -13.99 16.14 -1.87
C HIS B 41 -14.23 15.78 -3.33
N SER B 42 -13.77 16.66 -4.23
CA SER B 42 -13.90 16.43 -5.65
C SER B 42 -13.17 15.13 -6.00
N PRO B 43 -13.66 14.41 -7.00
CA PRO B 43 -13.01 13.15 -7.40
C PRO B 43 -11.55 13.42 -7.75
N TRP B 44 -11.26 14.67 -8.09
CA TRP B 44 -9.90 15.07 -8.44
C TRP B 44 -9.04 15.18 -7.19
N ALA B 45 -9.59 15.82 -6.17
CA ALA B 45 -8.87 16.00 -4.91
C ALA B 45 -8.49 14.67 -4.27
N VAL B 46 -9.47 13.78 -4.14
CA VAL B 46 -9.24 12.47 -3.53
C VAL B 46 -8.22 11.62 -4.30
N LYS B 47 -7.90 12.05 -5.50
CA LYS B 47 -6.98 11.31 -6.36
C LYS B 47 -5.56 11.84 -6.43
N LYS B 48 -5.40 13.14 -6.24
CA LYS B 48 -4.06 13.74 -6.34
C LYS B 48 -3.53 14.27 -5.02
N ILE B 49 -4.42 14.47 -4.06
CA ILE B 49 -4.05 14.99 -2.74
C ILE B 49 -4.32 13.94 -1.67
N ASN B 50 -3.29 13.60 -0.90
CA ASN B 50 -3.44 12.60 0.15
C ASN B 50 -3.97 11.30 -0.48
N PRO B 51 -3.28 10.81 -1.53
CA PRO B 51 -3.61 9.58 -2.27
C PRO B 51 -3.79 8.39 -1.36
N ILE B 52 -5.00 7.87 -1.27
CA ILE B 52 -5.25 6.73 -0.39
C ILE B 52 -4.35 5.55 -0.77
N CYS B 53 -3.77 5.57 -1.96
CA CYS B 53 -2.91 4.49 -2.40
C CYS B 53 -1.57 4.60 -1.69
N ASN B 54 -1.41 5.67 -0.93
CA ASN B 54 -0.17 5.87 -0.19
C ASN B 54 -0.44 5.92 1.32
N ASP B 55 -1.67 5.56 1.69
CA ASP B 55 -2.09 5.53 3.08
C ASP B 55 -1.67 4.19 3.67
N HIS B 56 -0.90 4.22 4.75
CA HIS B 56 -0.45 2.98 5.37
C HIS B 56 -1.58 2.19 6.01
N TYR B 57 -2.32 2.83 6.92
CA TYR B 57 -3.39 2.14 7.59
C TYR B 57 -4.37 1.43 6.65
N ARG B 58 -4.77 2.12 5.60
CA ARG B 58 -5.72 1.55 4.64
C ARG B 58 -5.10 0.46 3.78
N SER B 59 -3.78 0.38 3.78
CA SER B 59 -3.09 -0.64 3.01
C SER B 59 -3.26 -2.00 3.66
N VAL B 60 -3.34 -2.02 4.99
CA VAL B 60 -3.47 -3.30 5.67
C VAL B 60 -4.91 -3.58 6.10
N TYR B 61 -5.62 -2.58 6.61
CA TYR B 61 -6.99 -2.78 7.03
C TYR B 61 -7.89 -2.21 5.95
N GLN B 62 -8.27 -3.07 5.01
CA GLN B 62 -9.10 -2.68 3.88
C GLN B 62 -10.59 -2.86 4.10
N LYS B 63 -11.35 -1.85 3.71
CA LYS B 63 -12.79 -1.84 3.84
C LYS B 63 -13.46 -2.62 2.69
N ARG B 64 -14.09 -3.73 3.01
CA ARG B 64 -14.76 -4.54 1.99
C ARG B 64 -16.27 -4.53 2.19
N LEU B 65 -17.00 -4.71 1.09
CA LEU B 65 -18.45 -4.77 1.19
C LEU B 65 -18.80 -6.07 1.93
N MET B 66 -19.88 -6.04 2.70
CA MET B 66 -20.28 -7.19 3.50
C MET B 66 -20.25 -8.54 2.78
N ASP B 67 -20.79 -8.60 1.58
CA ASP B 67 -20.81 -9.87 0.86
C ASP B 67 -19.41 -10.31 0.43
N GLU B 68 -18.54 -9.37 0.09
CA GLU B 68 -17.19 -9.72 -0.32
C GLU B 68 -16.37 -10.19 0.88
N ALA B 69 -16.60 -9.55 2.01
CA ALA B 69 -15.89 -9.91 3.23
C ALA B 69 -16.28 -11.32 3.66
N LYS B 70 -17.52 -11.71 3.37
CA LYS B 70 -17.98 -13.05 3.74
C LYS B 70 -17.15 -14.06 2.98
N ILE B 71 -17.01 -13.83 1.68
CA ILE B 71 -16.23 -14.71 0.82
C ILE B 71 -14.78 -14.72 1.29
N LEU B 72 -14.18 -13.54 1.37
CA LEU B 72 -12.78 -13.43 1.80
C LEU B 72 -12.54 -14.07 3.17
N LYS B 73 -13.46 -13.86 4.10
CA LYS B 73 -13.33 -14.44 5.43
C LYS B 73 -13.43 -15.97 5.39
N SER B 74 -14.20 -16.50 4.43
CA SER B 74 -14.39 -17.94 4.29
C SER B 74 -13.22 -18.68 3.62
N LEU B 75 -12.23 -17.96 3.11
CA LEU B 75 -11.09 -18.63 2.48
C LEU B 75 -10.40 -19.43 3.56
N HIS B 76 -10.29 -20.73 3.37
CA HIS B 76 -9.69 -21.58 4.38
C HIS B 76 -9.03 -22.79 3.72
N HIS B 77 -7.75 -22.65 3.38
CA HIS B 77 -7.01 -23.72 2.74
C HIS B 77 -5.54 -23.62 3.15
N PRO B 78 -4.85 -24.76 3.28
CA PRO B 78 -3.44 -24.78 3.66
C PRO B 78 -2.51 -23.99 2.74
N ASN B 79 -2.91 -23.80 1.49
CA ASN B 79 -2.07 -23.10 0.52
C ASN B 79 -2.64 -21.79 0.07
N ILE B 80 -3.50 -21.22 0.91
CA ILE B 80 -4.11 -19.93 0.63
C ILE B 80 -3.97 -19.01 1.85
N VAL B 81 -3.50 -17.79 1.62
CA VAL B 81 -3.40 -16.84 2.72
C VAL B 81 -4.78 -16.20 2.80
N GLY B 82 -5.46 -16.37 3.93
CA GLY B 82 -6.78 -15.81 4.09
C GLY B 82 -6.84 -14.41 4.69
N TYR B 83 -8.00 -14.08 5.24
CA TYR B 83 -8.19 -12.77 5.82
C TYR B 83 -8.73 -12.80 7.26
N ARG B 84 -8.56 -11.69 7.96
CA ARG B 84 -8.97 -11.60 9.34
C ARG B 84 -9.75 -10.32 9.56
N ALA B 85 -10.87 -10.43 10.28
CA ALA B 85 -11.70 -9.27 10.59
C ALA B 85 -11.38 -8.87 12.02
N PHE B 86 -11.75 -7.65 12.40
CA PHE B 86 -11.42 -7.21 13.74
C PHE B 86 -12.59 -6.66 14.52
N THR B 87 -13.81 -6.92 14.05
CA THR B 87 -15.00 -6.44 14.71
C THR B 87 -16.17 -7.23 14.13
N GLU B 88 -17.19 -7.47 14.93
CA GLU B 88 -18.32 -8.23 14.41
C GLU B 88 -19.02 -7.44 13.33
N ALA B 89 -19.23 -8.10 12.19
CA ALA B 89 -19.89 -7.49 11.05
C ALA B 89 -21.37 -7.71 11.12
N ASN B 90 -22.08 -6.98 10.27
CA ASN B 90 -23.54 -7.02 10.13
C ASN B 90 -23.80 -5.82 9.25
N ASP B 91 -23.02 -4.77 9.51
CA ASP B 91 -23.09 -3.52 8.77
C ASP B 91 -22.90 -3.83 7.28
N GLY B 92 -22.89 -2.79 6.46
CA GLY B 92 -22.70 -3.00 5.04
C GLY B 92 -21.27 -2.80 4.65
N SER B 93 -20.34 -3.09 5.55
CA SER B 93 -18.92 -2.91 5.27
C SER B 93 -18.08 -3.34 6.45
N LEU B 94 -17.03 -4.10 6.17
CA LEU B 94 -16.14 -4.62 7.22
C LEU B 94 -14.68 -4.54 6.79
N CYS B 95 -13.79 -4.21 7.71
CA CYS B 95 -12.37 -4.14 7.38
C CYS B 95 -11.72 -5.50 7.54
N LEU B 96 -10.85 -5.84 6.60
CA LEU B 96 -10.16 -7.11 6.64
C LEU B 96 -8.69 -6.90 6.37
N ALA B 97 -7.83 -7.65 7.05
CA ALA B 97 -6.39 -7.57 6.82
C ALA B 97 -5.92 -8.93 6.33
N MET B 98 -5.06 -8.96 5.32
CA MET B 98 -4.55 -10.22 4.80
C MET B 98 -3.70 -10.86 5.88
N GLU B 99 -3.89 -12.17 6.08
CA GLU B 99 -3.14 -12.88 7.09
C GLU B 99 -1.66 -13.09 6.79
N TYR B 100 -0.94 -13.55 7.79
CA TYR B 100 0.48 -13.81 7.71
C TYR B 100 0.78 -15.24 7.30
N GLY B 101 1.76 -15.39 6.40
CA GLY B 101 2.11 -16.71 5.94
C GLY B 101 3.61 -16.91 5.82
N GLY B 102 4.39 -16.06 6.48
CA GLY B 102 5.83 -16.19 6.41
C GLY B 102 6.53 -14.87 6.21
N GLU B 103 7.86 -14.89 6.27
CA GLU B 103 8.66 -13.68 6.12
C GLU B 103 9.02 -13.33 4.68
N LYS B 104 9.23 -14.35 3.86
CA LYS B 104 9.65 -14.13 2.47
C LYS B 104 8.66 -14.58 1.41
N SER B 105 8.71 -13.91 0.27
CA SER B 105 7.87 -14.26 -0.87
C SER B 105 8.77 -15.09 -1.79
N LEU B 106 8.19 -15.85 -2.72
CA LEU B 106 8.99 -16.67 -3.60
C LEU B 106 9.93 -15.80 -4.42
N ASN B 107 9.51 -14.57 -4.66
CA ASN B 107 10.29 -13.61 -5.42
C ASN B 107 11.54 -13.20 -4.63
N ASP B 108 11.39 -13.05 -3.32
CA ASP B 108 12.49 -12.70 -2.44
C ASP B 108 13.55 -13.80 -2.52
N LEU B 109 13.08 -15.04 -2.51
CA LEU B 109 13.95 -16.18 -2.58
C LEU B 109 14.61 -16.31 -3.94
N ILE B 110 13.84 -16.21 -5.02
CA ILE B 110 14.42 -16.35 -6.36
C ILE B 110 15.47 -15.27 -6.55
N GLU B 111 15.56 -14.36 -5.61
CA GLU B 111 16.52 -13.27 -5.71
C GLU B 111 17.67 -13.34 -4.72
N GLU B 112 17.48 -14.01 -3.58
CA GLU B 112 18.57 -14.19 -2.64
C GLU B 112 19.42 -15.21 -3.36
N ARG B 113 18.72 -16.11 -4.04
CA ARG B 113 19.29 -17.21 -4.81
C ARG B 113 20.20 -16.64 -5.89
N TYR B 114 19.75 -15.56 -6.52
CA TYR B 114 20.52 -14.93 -7.58
C TYR B 114 21.78 -14.26 -7.04
N LYS B 115 21.64 -13.58 -5.91
CA LYS B 115 22.78 -12.87 -5.30
C LYS B 115 23.89 -13.79 -4.83
N ALA B 116 23.77 -15.08 -5.10
CA ALA B 116 24.79 -16.02 -4.67
C ALA B 116 24.94 -17.16 -5.67
N SER B 117 24.39 -18.31 -5.29
CA SER B 117 24.45 -19.52 -6.09
C SER B 117 24.16 -19.34 -7.59
N GLN B 118 23.13 -18.56 -7.92
CA GLN B 118 22.69 -18.34 -9.30
C GLN B 118 22.24 -19.65 -9.96
N ASP B 119 22.31 -20.73 -9.18
CA ASP B 119 21.90 -22.04 -9.68
C ASP B 119 20.40 -22.26 -9.44
N PRO B 120 19.66 -22.53 -10.51
CA PRO B 120 18.22 -22.78 -10.49
C PRO B 120 17.75 -23.69 -9.36
N PHE B 121 16.80 -23.20 -8.56
CA PHE B 121 16.23 -23.98 -7.46
C PHE B 121 16.24 -25.46 -7.82
N PRO B 122 16.62 -26.32 -6.87
CA PRO B 122 16.62 -27.75 -7.17
C PRO B 122 15.27 -28.18 -7.76
N ALA B 123 15.32 -29.03 -8.78
CA ALA B 123 14.11 -29.52 -9.42
C ALA B 123 13.06 -29.98 -8.42
N ALA B 124 13.51 -30.70 -7.40
CA ALA B 124 12.61 -31.23 -6.38
C ALA B 124 11.83 -30.12 -5.67
N ILE B 125 12.49 -29.03 -5.35
CA ILE B 125 11.82 -27.92 -4.68
C ILE B 125 10.77 -27.28 -5.61
N ILE B 126 11.10 -27.17 -6.89
CA ILE B 126 10.19 -26.59 -7.85
C ILE B 126 8.91 -27.40 -7.94
N LEU B 127 9.04 -28.74 -7.93
CA LEU B 127 7.88 -29.62 -7.99
C LEU B 127 7.04 -29.48 -6.73
N LYS B 128 7.71 -29.25 -5.60
CA LYS B 128 7.05 -29.10 -4.32
C LYS B 128 6.19 -27.84 -4.38
N VAL B 129 6.83 -26.75 -4.82
CA VAL B 129 6.16 -25.46 -4.98
C VAL B 129 5.02 -25.63 -5.98
N ALA B 130 5.27 -26.41 -7.01
CA ALA B 130 4.29 -26.66 -8.04
C ALA B 130 3.04 -27.36 -7.50
N LEU B 131 3.24 -28.39 -6.69
CA LEU B 131 2.11 -29.13 -6.12
C LEU B 131 1.27 -28.30 -5.17
N ASN B 132 1.94 -27.54 -4.30
CA ASN B 132 1.24 -26.72 -3.35
C ASN B 132 0.44 -25.60 -4.01
N MET B 133 1.04 -24.91 -4.98
CA MET B 133 0.33 -23.86 -5.68
C MET B 133 -0.89 -24.47 -6.36
N ALA B 134 -0.71 -25.63 -6.96
CA ALA B 134 -1.79 -26.31 -7.66
C ALA B 134 -2.94 -26.63 -6.71
N ARG B 135 -2.61 -27.07 -5.51
CA ARG B 135 -3.66 -27.40 -4.56
C ARG B 135 -4.44 -26.16 -4.20
N GLY B 136 -3.73 -25.06 -3.99
CA GLY B 136 -4.37 -23.81 -3.63
C GLY B 136 -5.21 -23.25 -4.74
N LEU B 137 -4.70 -23.37 -5.96
CA LEU B 137 -5.39 -22.87 -7.15
C LEU B 137 -6.64 -23.73 -7.41
N LYS B 138 -6.54 -25.01 -7.09
CA LYS B 138 -7.65 -25.95 -7.28
C LYS B 138 -8.79 -25.59 -6.33
N TYR B 139 -8.40 -25.19 -5.11
CA TYR B 139 -9.36 -24.79 -4.10
C TYR B 139 -10.12 -23.56 -4.61
N LEU B 140 -9.39 -22.58 -5.10
CA LEU B 140 -9.99 -21.37 -5.63
C LEU B 140 -10.94 -21.65 -6.79
N HIS B 141 -10.46 -22.39 -7.78
CA HIS B 141 -11.27 -22.70 -8.95
C HIS B 141 -12.46 -23.61 -8.69
N GLN B 142 -12.23 -24.75 -8.05
CA GLN B 142 -13.33 -25.66 -7.78
C GLN B 142 -14.21 -25.24 -6.61
N GLU B 143 -13.66 -25.27 -5.41
CA GLU B 143 -14.40 -24.91 -4.21
C GLU B 143 -14.98 -23.49 -4.11
N LYS B 144 -14.24 -22.47 -4.51
CA LYS B 144 -14.76 -21.10 -4.39
C LYS B 144 -15.16 -20.41 -5.68
N LYS B 145 -14.89 -21.05 -6.81
CA LYS B 145 -15.19 -20.50 -8.13
C LYS B 145 -14.64 -19.09 -8.29
N LEU B 146 -13.38 -18.91 -7.93
CA LEU B 146 -12.70 -17.62 -8.02
C LEU B 146 -11.37 -17.74 -8.73
N LEU B 147 -11.17 -16.96 -9.79
CA LEU B 147 -9.89 -16.97 -10.52
C LEU B 147 -8.96 -16.11 -9.67
N HIS B 148 -7.71 -16.50 -9.49
CA HIS B 148 -6.82 -15.69 -8.67
C HIS B 148 -6.58 -14.29 -9.23
N GLY B 149 -6.30 -14.16 -10.52
CA GLY B 149 -6.09 -12.83 -11.04
C GLY B 149 -4.67 -12.51 -11.45
N ASP B 150 -3.70 -12.81 -10.60
CA ASP B 150 -2.34 -12.57 -11.01
C ASP B 150 -1.28 -13.37 -10.21
N ILE B 151 -1.11 -14.60 -10.68
CA ILE B 151 -0.16 -15.54 -10.12
C ILE B 151 1.22 -15.08 -10.57
N LYS B 152 2.18 -15.12 -9.65
CA LYS B 152 3.54 -14.71 -9.93
C LYS B 152 4.29 -14.91 -8.63
N SER B 153 5.60 -15.11 -8.72
CA SER B 153 6.42 -15.34 -7.54
C SER B 153 6.18 -14.40 -6.36
N SER B 154 6.02 -13.10 -6.62
CA SER B 154 5.83 -12.20 -5.50
C SER B 154 4.49 -12.37 -4.80
N ASN B 155 3.63 -13.22 -5.33
CA ASN B 155 2.33 -13.48 -4.72
C ASN B 155 2.28 -14.87 -4.09
N VAL B 156 3.46 -15.45 -3.91
CA VAL B 156 3.60 -16.75 -3.27
C VAL B 156 4.46 -16.52 -2.04
N VAL B 157 3.96 -16.80 -0.84
CA VAL B 157 4.79 -16.58 0.35
C VAL B 157 5.30 -17.91 0.90
N ILE B 158 6.58 -17.91 1.25
CA ILE B 158 7.26 -19.10 1.77
C ILE B 158 7.55 -18.94 3.26
N LYS B 159 7.25 -20.00 4.02
CA LYS B 159 7.48 -20.01 5.46
C LYS B 159 8.70 -20.85 5.72
N GLY B 160 9.70 -20.23 6.34
CA GLY B 160 10.94 -20.93 6.65
C GLY B 160 11.58 -21.49 5.39
N ASP B 161 12.16 -22.67 5.52
CA ASP B 161 12.79 -23.33 4.39
C ASP B 161 11.71 -24.16 3.70
N PHE B 162 10.94 -23.51 2.85
CA PHE B 162 9.85 -24.17 2.14
C PHE B 162 9.05 -25.09 3.04
N GLU B 163 8.90 -24.67 4.29
CA GLU B 163 8.12 -25.42 5.26
C GLU B 163 6.65 -25.22 4.92
N THR B 164 6.35 -24.06 4.32
CA THR B 164 5.00 -23.70 3.93
C THR B 164 5.04 -22.89 2.63
N ILE B 165 4.04 -23.13 1.77
CA ILE B 165 3.94 -22.43 0.49
C ILE B 165 2.50 -22.03 0.26
N LYS B 166 2.21 -20.73 0.32
CA LYS B 166 0.84 -20.25 0.13
C LYS B 166 0.70 -19.15 -0.92
N ILE B 167 -0.43 -19.16 -1.62
CA ILE B 167 -0.75 -18.15 -2.63
C ILE B 167 -1.45 -17.01 -1.88
N CYS B 168 -1.11 -15.76 -2.19
CA CYS B 168 -1.77 -14.66 -1.50
C CYS B 168 -2.37 -13.59 -2.41
N ASP B 169 -3.03 -12.62 -1.80
CA ASP B 169 -3.65 -11.53 -2.53
C ASP B 169 -4.88 -12.04 -3.29
N VAL B 170 -5.62 -12.97 -2.69
CA VAL B 170 -6.80 -13.52 -3.33
C VAL B 170 -7.92 -12.50 -3.27
N GLY B 171 -8.58 -12.29 -4.39
CA GLY B 171 -9.68 -11.33 -4.44
C GLY B 171 -10.99 -11.98 -4.87
N VAL B 172 -12.05 -11.20 -5.01
CA VAL B 172 -13.34 -11.75 -5.40
C VAL B 172 -13.90 -11.17 -6.69
N SER B 173 -13.16 -10.25 -7.31
CA SER B 173 -13.65 -9.61 -8.54
C SER B 173 -13.53 -10.40 -9.83
N LEU B 174 -13.01 -11.62 -9.77
CA LEU B 174 -12.87 -12.43 -10.98
C LEU B 174 -13.56 -13.78 -10.76
N PRO B 175 -14.86 -13.74 -10.45
CA PRO B 175 -15.65 -14.95 -10.20
C PRO B 175 -15.77 -15.83 -11.44
N LEU B 176 -15.73 -17.14 -11.23
CA LEU B 176 -15.84 -18.09 -12.32
C LEU B 176 -17.24 -18.64 -12.58
N ASP B 177 -17.58 -18.70 -13.86
CA ASP B 177 -18.83 -19.18 -14.44
C ASP B 177 -19.16 -20.59 -14.04
N GLU B 178 -20.32 -21.06 -14.51
CA GLU B 178 -20.69 -22.44 -14.28
C GLU B 178 -19.90 -23.12 -15.39
N ASN B 179 -19.42 -22.31 -16.33
CA ASN B 179 -18.63 -22.78 -17.46
C ASN B 179 -17.14 -22.49 -17.31
N MET B 180 -16.71 -22.10 -16.12
CA MET B 180 -15.30 -21.79 -15.86
C MET B 180 -14.74 -20.60 -16.65
N GLU B 181 -15.56 -19.58 -16.82
CA GLU B 181 -15.15 -18.38 -17.53
C GLU B 181 -15.57 -17.20 -16.69
N VAL B 182 -14.78 -16.14 -16.71
CA VAL B 182 -15.13 -14.94 -15.96
C VAL B 182 -16.02 -14.13 -16.87
N THR B 183 -17.32 -14.17 -16.64
CA THR B 183 -18.24 -13.42 -17.48
C THR B 183 -18.85 -12.18 -16.83
N ASP B 184 -18.67 -12.02 -15.53
CA ASP B 184 -19.22 -10.86 -14.82
C ASP B 184 -18.83 -9.61 -15.61
N PRO B 185 -19.80 -8.72 -15.86
CA PRO B 185 -19.54 -7.48 -16.62
C PRO B 185 -18.47 -6.59 -16.02
N GLU B 186 -18.37 -6.61 -14.68
CA GLU B 186 -17.40 -5.79 -13.98
C GLU B 186 -15.99 -6.33 -14.06
N ALA B 187 -15.84 -7.63 -13.79
CA ALA B 187 -14.53 -8.29 -13.81
C ALA B 187 -13.60 -7.84 -14.93
N CYS B 188 -12.30 -7.81 -14.63
CA CYS B 188 -11.32 -7.40 -15.63
C CYS B 188 -9.91 -7.93 -15.31
N TYR B 189 -9.47 -8.92 -16.05
CA TYR B 189 -8.14 -9.49 -15.81
C TYR B 189 -7.06 -8.44 -16.02
N ILE B 190 -6.23 -8.23 -15.01
CA ILE B 190 -5.15 -7.25 -15.10
C ILE B 190 -3.78 -7.92 -14.93
N GLY B 191 -3.65 -8.68 -13.85
CA GLY B 191 -2.41 -9.37 -13.58
C GLY B 191 -1.22 -8.45 -13.56
N THR B 192 -0.08 -8.99 -13.96
CA THR B 192 1.16 -8.25 -14.03
C THR B 192 1.69 -8.57 -15.43
N GLU B 193 1.91 -7.53 -16.23
CA GLU B 193 2.33 -7.66 -17.63
C GLU B 193 3.16 -8.86 -18.06
N PRO B 194 4.38 -8.98 -17.53
CA PRO B 194 5.21 -10.12 -17.93
C PRO B 194 4.52 -11.48 -17.81
N TRP B 195 3.57 -11.58 -16.88
CA TRP B 195 2.86 -12.83 -16.61
C TRP B 195 1.52 -13.02 -17.28
N LYS B 196 1.08 -12.04 -18.06
CA LYS B 196 -0.21 -12.13 -18.71
C LYS B 196 -0.30 -13.20 -19.80
N PRO B 197 -1.39 -13.98 -19.80
CA PRO B 197 -1.58 -15.02 -20.81
C PRO B 197 -2.16 -14.40 -22.09
N LYS B 198 -2.06 -15.11 -23.22
CA LYS B 198 -2.56 -14.56 -24.48
C LYS B 198 -3.95 -13.96 -24.31
N GLU B 199 -4.86 -14.72 -23.69
CA GLU B 199 -6.24 -14.31 -23.47
C GLU B 199 -6.38 -12.92 -22.87
N ALA B 200 -5.45 -12.56 -21.98
CA ALA B 200 -5.48 -11.27 -21.30
C ALA B 200 -4.77 -10.17 -22.08
N VAL B 201 -4.00 -10.56 -23.09
CA VAL B 201 -3.29 -9.60 -23.92
C VAL B 201 -4.21 -9.25 -25.08
N GLU B 202 -4.93 -10.26 -25.59
CA GLU B 202 -5.87 -10.07 -26.69
C GLU B 202 -6.82 -8.94 -26.31
N GLU B 203 -7.25 -8.22 -27.32
CA GLU B 203 -8.15 -7.07 -27.20
C GLU B 203 -9.45 -7.37 -26.43
N ASN B 204 -9.98 -8.58 -26.60
CA ASN B 204 -11.20 -8.96 -25.90
C ASN B 204 -11.26 -10.47 -25.88
N GLY B 205 -10.22 -11.08 -25.35
CA GLY B 205 -10.19 -12.52 -25.27
C GLY B 205 -11.05 -12.93 -24.10
N VAL B 206 -11.35 -14.23 -24.01
CA VAL B 206 -12.17 -14.72 -22.92
C VAL B 206 -11.26 -15.32 -21.84
N ILE B 207 -11.57 -14.99 -20.59
CA ILE B 207 -10.79 -15.45 -19.45
C ILE B 207 -11.41 -16.65 -18.79
N THR B 208 -10.63 -17.70 -18.60
CA THR B 208 -11.12 -18.92 -17.95
C THR B 208 -10.14 -19.28 -16.87
N ASP B 209 -10.45 -20.32 -16.10
CA ASP B 209 -9.57 -20.75 -15.01
C ASP B 209 -8.18 -21.03 -15.55
N LYS B 210 -8.08 -21.27 -16.85
CA LYS B 210 -6.79 -21.56 -17.47
C LYS B 210 -5.82 -20.39 -17.52
N ALA B 211 -6.33 -19.17 -17.35
CA ALA B 211 -5.46 -18.00 -17.37
C ALA B 211 -4.52 -18.07 -16.17
N ASP B 212 -5.00 -18.66 -15.09
CA ASP B 212 -4.21 -18.85 -13.88
C ASP B 212 -3.15 -19.92 -14.10
N ILE B 213 -3.54 -20.99 -14.80
CA ILE B 213 -2.61 -22.08 -15.07
C ILE B 213 -1.41 -21.56 -15.83
N PHE B 214 -1.64 -20.65 -16.78
CA PHE B 214 -0.56 -20.08 -17.58
C PHE B 214 0.44 -19.38 -16.65
N ALA B 215 -0.01 -18.35 -15.95
CA ALA B 215 0.86 -17.61 -15.04
C ALA B 215 1.49 -18.51 -13.99
N PHE B 216 0.79 -19.58 -13.63
CA PHE B 216 1.30 -20.54 -12.66
C PHE B 216 2.55 -21.16 -13.30
N GLY B 217 2.40 -21.57 -14.55
CA GLY B 217 3.50 -22.18 -15.28
C GLY B 217 4.66 -21.22 -15.31
N LEU B 218 4.39 -19.97 -15.65
CA LEU B 218 5.43 -18.95 -15.72
C LEU B 218 6.16 -18.81 -14.39
N THR B 219 5.48 -19.09 -13.28
CA THR B 219 6.11 -18.97 -11.98
C THR B 219 7.13 -20.08 -11.78
N LEU B 220 6.89 -21.23 -12.41
CA LEU B 220 7.82 -22.35 -12.32
C LEU B 220 9.07 -22.00 -13.15
N TRP B 221 8.83 -21.28 -14.25
CA TRP B 221 9.89 -20.85 -15.13
C TRP B 221 10.82 -19.93 -14.35
N GLU B 222 10.23 -19.07 -13.54
CA GLU B 222 10.99 -18.13 -12.72
C GLU B 222 11.98 -18.88 -11.82
N MET B 223 11.57 -20.03 -11.32
CA MET B 223 12.41 -20.81 -10.43
C MET B 223 13.56 -21.53 -11.13
N MET B 224 13.52 -21.57 -12.46
CA MET B 224 14.58 -22.23 -13.23
C MET B 224 15.54 -21.20 -13.82
N THR B 225 14.98 -20.06 -14.23
CA THR B 225 15.79 -19.02 -14.83
C THR B 225 16.16 -17.89 -13.88
N LEU B 226 15.37 -17.71 -12.83
CA LEU B 226 15.63 -16.63 -11.87
C LEU B 226 15.53 -15.30 -12.60
N SER B 227 14.67 -15.27 -13.63
CA SER B 227 14.47 -14.06 -14.42
C SER B 227 12.98 -13.71 -14.53
N ILE B 228 12.68 -12.51 -15.03
CA ILE B 228 11.32 -12.07 -15.24
C ILE B 228 11.00 -12.45 -16.69
N PRO B 229 9.81 -13.03 -16.93
CA PRO B 229 9.40 -13.44 -18.29
C PRO B 229 9.49 -12.34 -19.36
N HIS B 230 10.02 -12.72 -20.52
CA HIS B 230 10.16 -11.82 -21.67
C HIS B 230 10.96 -10.55 -21.46
N ILE B 231 11.84 -10.55 -20.46
CA ILE B 231 12.69 -9.41 -20.20
C ILE B 231 14.05 -9.85 -20.70
N ASN B 232 14.38 -9.45 -21.92
CA ASN B 232 15.64 -9.82 -22.54
C ASN B 232 16.34 -8.60 -23.09
N LEU B 233 17.66 -8.67 -23.19
CA LEU B 233 18.46 -7.58 -23.73
C LEU B 233 18.79 -7.89 -25.19
N SER B 234 18.56 -6.91 -26.06
CA SER B 234 18.83 -7.08 -27.48
C SER B 234 20.33 -7.27 -27.68
N ASN B 235 21.08 -6.76 -26.72
CA ASN B 235 22.54 -6.81 -26.73
C ASN B 235 23.14 -8.09 -26.14
N ASP B 236 23.20 -9.16 -26.93
CA ASP B 236 23.82 -10.40 -26.47
C ASP B 236 25.29 -10.05 -26.37
N ASP B 237 25.66 -9.06 -27.17
CA ASP B 237 27.01 -8.51 -27.30
C ASP B 237 27.60 -7.89 -26.03
N ASP B 238 27.05 -6.76 -25.59
CA ASP B 238 27.53 -6.09 -24.37
C ASP B 238 27.03 -6.79 -23.11
N ASP B 239 26.40 -7.95 -23.29
CA ASP B 239 25.89 -8.74 -22.17
C ASP B 239 27.04 -9.13 -21.26
N GLU B 240 26.76 -9.15 -19.95
CA GLU B 240 27.76 -9.49 -18.92
C GLU B 240 28.44 -8.23 -18.39
N ASP B 241 28.01 -7.08 -18.91
CA ASP B 241 28.55 -5.79 -18.48
C ASP B 241 27.97 -5.55 -17.09
N LYS B 242 28.84 -5.44 -16.09
CA LYS B 242 28.44 -5.22 -14.70
C LYS B 242 26.98 -4.76 -14.50
N THR B 243 26.71 -3.49 -14.81
CA THR B 243 25.37 -2.93 -14.63
C THR B 243 24.49 -2.94 -15.88
N PHE B 244 23.18 -2.92 -15.64
CA PHE B 244 22.20 -2.93 -16.72
C PHE B 244 21.21 -1.77 -16.60
N ASP B 245 20.78 -1.25 -17.75
CA ASP B 245 19.84 -0.13 -17.82
C ASP B 245 18.70 -0.37 -18.78
N GLU B 246 17.77 0.58 -18.81
CA GLU B 246 16.61 0.51 -19.68
C GLU B 246 17.06 0.42 -21.13
N SER B 247 18.30 0.86 -21.38
CA SER B 247 18.88 0.85 -22.72
C SER B 247 19.44 -0.50 -23.16
N ASP B 248 19.20 -1.55 -22.38
CA ASP B 248 19.68 -2.89 -22.75
C ASP B 248 18.47 -3.75 -23.01
N PHE B 249 17.32 -3.25 -22.55
CA PHE B 249 16.04 -3.95 -22.69
C PHE B 249 15.41 -3.83 -24.07
N ASP B 250 15.29 -4.97 -24.76
CA ASP B 250 14.69 -5.01 -26.09
C ASP B 250 13.21 -4.73 -25.96
N ASP B 251 12.87 -3.45 -25.94
CA ASP B 251 11.49 -3.01 -25.81
C ASP B 251 10.50 -3.71 -26.75
N GLU B 252 10.89 -3.97 -27.98
CA GLU B 252 9.99 -4.61 -28.94
C GLU B 252 9.72 -6.07 -28.62
N ALA B 253 10.77 -6.88 -28.57
CA ALA B 253 10.64 -8.31 -28.27
C ALA B 253 9.71 -8.53 -27.09
N TYR B 254 9.73 -7.58 -26.15
CA TYR B 254 8.89 -7.63 -24.96
C TYR B 254 7.43 -7.65 -25.33
N TYR B 255 6.93 -6.49 -25.76
CA TYR B 255 5.53 -6.37 -26.13
C TYR B 255 5.13 -7.39 -27.19
N ALA B 256 6.12 -7.96 -27.86
CA ALA B 256 5.85 -8.94 -28.90
C ALA B 256 5.71 -10.35 -28.32
N ALA B 257 6.34 -10.60 -27.18
CA ALA B 257 6.29 -11.91 -26.54
C ALA B 257 5.26 -12.06 -25.43
N LEU B 258 4.72 -10.94 -24.94
CA LEU B 258 3.73 -11.00 -23.87
C LEU B 258 2.67 -12.03 -24.26
N GLY B 259 2.37 -12.96 -23.36
CA GLY B 259 1.35 -13.95 -23.65
C GLY B 259 1.86 -15.24 -24.25
N THR B 260 3.10 -15.22 -24.75
CA THR B 260 3.69 -16.41 -25.37
C THR B 260 4.60 -17.14 -24.37
N ARG B 261 4.85 -18.42 -24.61
CA ARG B 261 5.72 -19.21 -23.73
C ARG B 261 7.16 -18.74 -23.88
N PRO B 262 7.80 -18.31 -22.79
CA PRO B 262 9.19 -17.85 -22.89
C PRO B 262 10.15 -18.99 -23.22
N PRO B 263 11.40 -18.65 -23.57
CA PRO B 263 12.40 -19.66 -23.89
C PRO B 263 12.97 -20.33 -22.63
N ILE B 264 13.26 -21.62 -22.73
CA ILE B 264 13.78 -22.37 -21.60
C ILE B 264 15.30 -22.56 -21.70
N ASN B 265 16.02 -22.17 -20.64
CA ASN B 265 17.47 -22.32 -20.61
C ASN B 265 17.79 -23.80 -20.42
N MET B 266 17.77 -24.52 -21.53
CA MET B 266 18.01 -25.95 -21.54
C MET B 266 19.39 -26.36 -21.06
N GLU B 267 20.39 -25.60 -21.46
CA GLU B 267 21.76 -25.91 -21.11
C GLU B 267 22.14 -25.66 -19.64
N GLU B 268 21.30 -24.94 -18.91
CA GLU B 268 21.56 -24.66 -17.49
C GLU B 268 20.93 -25.70 -16.58
N LEU B 269 19.99 -26.46 -17.14
CA LEU B 269 19.29 -27.49 -16.37
C LEU B 269 19.87 -28.87 -16.69
N ASP B 270 19.23 -29.90 -16.15
CA ASP B 270 19.67 -31.27 -16.41
C ASP B 270 18.48 -32.19 -16.64
N GLU B 271 18.62 -33.47 -16.33
CA GLU B 271 17.55 -34.43 -16.56
C GLU B 271 16.62 -34.63 -15.37
N SER B 272 16.93 -34.00 -14.25
CA SER B 272 16.08 -34.12 -13.06
C SER B 272 15.00 -33.06 -13.21
N TYR B 273 15.20 -32.15 -14.16
CA TYR B 273 14.26 -31.09 -14.43
C TYR B 273 13.30 -31.51 -15.53
N GLN B 274 13.16 -32.82 -15.73
CA GLN B 274 12.29 -33.35 -16.76
C GLN B 274 10.81 -33.09 -16.51
N LYS B 275 10.31 -33.50 -15.35
CA LYS B 275 8.90 -33.28 -15.05
C LYS B 275 8.63 -31.77 -15.02
N VAL B 276 9.50 -31.02 -14.34
CA VAL B 276 9.35 -29.59 -14.25
C VAL B 276 9.21 -28.93 -15.62
N ILE B 277 10.04 -29.34 -16.57
CA ILE B 277 9.99 -28.77 -17.91
C ILE B 277 8.73 -29.17 -18.67
N GLU B 278 8.19 -30.35 -18.38
CA GLU B 278 6.98 -30.80 -19.04
C GLU B 278 5.82 -29.97 -18.54
N LEU B 279 5.71 -29.86 -17.21
CA LEU B 279 4.65 -29.11 -16.54
C LEU B 279 4.63 -27.65 -17.04
N PHE B 280 5.82 -27.06 -17.15
CA PHE B 280 5.99 -25.69 -17.64
C PHE B 280 5.42 -25.55 -19.07
N SER B 281 5.77 -26.51 -19.91
CA SER B 281 5.33 -26.49 -21.31
C SER B 281 3.84 -26.57 -21.54
N VAL B 282 3.18 -27.54 -20.92
CA VAL B 282 1.74 -27.69 -21.12
C VAL B 282 0.92 -26.56 -20.51
N CYS B 283 1.40 -26.01 -19.39
CA CYS B 283 0.73 -24.91 -18.72
C CYS B 283 0.82 -23.61 -19.50
N THR B 284 1.75 -23.55 -20.44
CA THR B 284 1.94 -22.34 -21.24
C THR B 284 1.56 -22.46 -22.72
N ASN B 285 0.71 -23.42 -23.05
CA ASN B 285 0.26 -23.59 -24.43
C ASN B 285 -0.54 -22.35 -24.81
N GLU B 286 -0.53 -21.98 -26.08
CA GLU B 286 -1.26 -20.81 -26.56
C GLU B 286 -2.75 -21.04 -26.38
N ASP B 287 -3.17 -22.30 -26.51
CA ASP B 287 -4.57 -22.64 -26.36
C ASP B 287 -4.87 -23.07 -24.93
N PRO B 288 -5.79 -22.35 -24.27
CA PRO B 288 -6.18 -22.67 -22.90
C PRO B 288 -6.62 -24.12 -22.76
N LYS B 289 -7.38 -24.60 -23.75
CA LYS B 289 -7.86 -25.97 -23.73
C LYS B 289 -6.71 -26.98 -23.72
N ASP B 290 -5.50 -26.51 -24.07
CA ASP B 290 -4.33 -27.38 -24.08
C ASP B 290 -3.58 -27.34 -22.75
N ARG B 291 -4.00 -26.46 -21.84
CA ARG B 291 -3.38 -26.34 -20.52
C ARG B 291 -4.18 -27.16 -19.55
N PRO B 292 -3.51 -27.89 -18.65
CA PRO B 292 -4.21 -28.71 -17.67
C PRO B 292 -4.89 -27.84 -16.63
N SER B 293 -5.89 -28.39 -15.95
CA SER B 293 -6.58 -27.65 -14.90
C SER B 293 -5.79 -27.83 -13.60
N ALA B 294 -6.10 -27.04 -12.58
CA ALA B 294 -5.37 -27.17 -11.32
C ALA B 294 -5.60 -28.59 -10.79
N ALA B 295 -6.83 -29.07 -10.91
CA ALA B 295 -7.18 -30.40 -10.45
C ALA B 295 -6.26 -31.44 -11.07
N HIS B 296 -6.15 -31.43 -12.40
CA HIS B 296 -5.32 -32.38 -13.12
C HIS B 296 -3.84 -32.30 -12.75
N ILE B 297 -3.38 -31.12 -12.35
CA ILE B 297 -1.99 -30.95 -11.97
C ILE B 297 -1.74 -31.55 -10.59
N VAL B 298 -2.71 -31.38 -9.69
CA VAL B 298 -2.59 -31.93 -8.33
C VAL B 298 -2.51 -33.45 -8.41
N GLU B 299 -3.36 -34.03 -9.25
CA GLU B 299 -3.38 -35.47 -9.42
C GLU B 299 -2.06 -35.95 -10.03
N ALA B 300 -1.69 -35.38 -11.17
CA ALA B 300 -0.47 -35.78 -11.84
C ALA B 300 0.78 -35.65 -10.98
N LEU B 301 0.74 -34.76 -9.99
CA LEU B 301 1.90 -34.57 -9.12
C LEU B 301 1.85 -35.44 -7.87
N GLU B 302 0.64 -35.83 -7.48
CA GLU B 302 0.49 -36.73 -6.33
C GLU B 302 0.58 -38.12 -6.96
N ALA B 303 1.12 -38.14 -8.19
CA ALA B 303 1.32 -39.33 -9.02
C ALA B 303 1.44 -40.64 -8.26
N ALA B 304 0.72 -41.67 -8.74
CA ALA B 304 0.71 -42.99 -8.12
C ALA B 304 -0.06 -42.95 -6.78
#